data_2KZE
#
_entry.id   2KZE
#
_entity_poly.entity_id   1
_entity_poly.type   'polydeoxyribonucleotide'
_entity_poly.pdbx_seq_one_letter_code
;(DA)(DI)(DG)(DG)(DG)(DA)(DG)(DG)(DG)(DI)(DC)(DT)(DG)(DG)(DG)(DA)(DG)(DG)(DG)(DC)
;
_entity_poly.pdbx_strand_id   A
#
loop_
_chem_comp.id
_chem_comp.type
_chem_comp.name
_chem_comp.formula
DA DNA linking 2'-DEOXYADENOSINE-5'-MONOPHOSPHATE 'C10 H14 N5 O6 P'
DC DNA linking 2'-DEOXYCYTIDINE-5'-MONOPHOSPHATE 'C9 H14 N3 O7 P'
DG DNA linking 2'-DEOXYGUANOSINE-5'-MONOPHOSPHATE 'C10 H14 N5 O7 P'
DI DNA linking 2'-DEOXYINOSINE-5'-MONOPHOSPHATE 'C10 H13 N4 O7 P'
DT DNA linking THYMIDINE-5'-MONOPHOSPHATE 'C10 H15 N2 O8 P'
#